data_3I45
#
_entry.id   3I45
#
_cell.length_a   44.473
_cell.length_b   91.835
_cell.length_c   48.166
_cell.angle_alpha   90.000
_cell.angle_beta   106.490
_cell.angle_gamma   90.000
#
_symmetry.space_group_name_H-M   'P 1 21 1'
#
loop_
_entity.id
_entity.type
_entity.pdbx_description
1 polymer 'Twin-arginine translocation pathway signal protein'
2 non-polymer 'NICOTINIC ACID'
3 water water
#
_entity_poly.entity_id   1
_entity_poly.type   'polypeptide(L)'
_entity_poly.pdbx_seq_one_letter_code
;MSLEAIRIGEINSYSQIPAFTLPYRNGWQLAVEQINAAGGLLGGRPLEVISRDDGGDPGKAVTAAQELLTRHGVHALAGT
FLSHVGLAVSDFARQRKVLFMASEPLTDALTWEKGNRYTYRLRPSTYMQAAMLAAEAAKLPITRWATIAPNYEYGQSAVA
RFKELLLAARPEVTFVAEQWPALYKLDAGPTVQALQQAEPEGLFNVLFGADLPKFVREGRVRGLFAGRQVVSMLTGEPEY
LNPLKDEAPEGWIVTGYPWYDIDTAPHRAFVEAYRARWKEDPFVGSLVGYNTLTAMAVAFEKAGGTESETLVETLKDMAF
STPMGPLSFRASDHQSTMGAWVGRTALRDGKGVMVDWRYVDGGSVLPPPEVVSAWRPAGEGHHHHHH
;
_entity_poly.pdbx_strand_id   A
#
loop_
_chem_comp.id
_chem_comp.type
_chem_comp.name
_chem_comp.formula
NIO non-polymer 'NICOTINIC ACID' 'C6 H5 N O2'
#
# COMPACT_ATOMS: atom_id res chain seq x y z
N SER A 2 33.94 -8.09 15.43
CA SER A 2 32.54 -7.86 14.94
C SER A 2 32.51 -6.86 13.79
N LEU A 3 31.94 -7.29 12.66
CA LEU A 3 31.70 -6.40 11.52
C LEU A 3 30.52 -5.50 11.82
N GLU A 4 30.62 -4.23 11.42
CA GLU A 4 29.57 -3.24 11.64
C GLU A 4 28.30 -3.58 10.87
N ALA A 5 27.18 -3.54 11.55
CA ALA A 5 25.89 -3.81 10.93
C ALA A 5 25.51 -2.72 9.93
N ILE A 6 24.71 -3.11 8.94
CA ILE A 6 23.98 -2.14 8.13
C ILE A 6 22.64 -2.00 8.84
N ARG A 7 22.31 -0.78 9.26
CA ARG A 7 21.15 -0.55 10.12
C ARG A 7 20.06 0.22 9.40
N ILE A 8 18.84 -0.31 9.46
CA ILE A 8 17.68 0.34 8.86
C ILE A 8 16.74 0.71 9.99
N GLY A 9 16.31 1.96 10.00
CA GLY A 9 15.34 2.44 10.99
C GLY A 9 13.96 2.36 10.39
N GLU A 10 13.12 1.50 10.95
CA GLU A 10 11.78 1.23 10.41
C GLU A 10 10.74 1.76 11.39
N ILE A 11 9.74 2.45 10.86
CA ILE A 11 8.73 3.11 11.68
C ILE A 11 7.36 2.65 11.20
N ASN A 12 6.47 2.22 12.09
CA ASN A 12 5.15 1.85 11.61
C ASN A 12 4.10 1.87 12.71
N SER A 13 2.85 1.62 12.30
CA SER A 13 1.70 1.77 13.19
C SER A 13 1.35 0.43 13.85
N TYR A 14 2.32 -0.15 14.55
CA TYR A 14 2.16 -1.45 15.22
C TYR A 14 1.07 -1.43 16.27
N SER A 15 0.94 -0.32 16.98
CA SER A 15 -0.07 -0.19 18.03
C SER A 15 -1.48 0.08 17.50
N GLN A 16 -1.60 0.51 16.25
CA GLN A 16 -2.87 1.00 15.71
C GLN A 16 -3.54 0.09 14.71
N ILE A 17 -2.75 -0.52 13.82
CA ILE A 17 -3.32 -1.40 12.81
C ILE A 17 -2.51 -2.70 12.73
N PRO A 18 -2.57 -3.50 13.80
CA PRO A 18 -1.82 -4.73 13.82
C PRO A 18 -2.26 -5.74 12.76
N ALA A 19 -3.50 -5.65 12.26
CA ALA A 19 -3.96 -6.57 11.21
C ALA A 19 -3.03 -6.55 10.01
N PHE A 20 -2.51 -5.37 9.67
CA PHE A 20 -1.52 -5.24 8.61
C PHE A 20 -0.10 -5.34 9.15
N THR A 21 0.19 -4.60 10.24
CA THR A 21 1.58 -4.38 10.63
C THR A 21 2.25 -5.60 11.28
N LEU A 22 1.50 -6.47 11.94
CA LEU A 22 2.13 -7.67 12.51
C LEU A 22 2.57 -8.66 11.42
N PRO A 23 1.67 -9.03 10.47
CA PRO A 23 2.17 -9.84 9.35
C PRO A 23 3.25 -9.14 8.53
N TYR A 24 3.19 -7.82 8.42
CA TYR A 24 4.22 -7.03 7.78
C TYR A 24 5.59 -7.22 8.43
N ARG A 25 5.62 -7.14 9.76
CA ARG A 25 6.87 -7.38 10.47
C ARG A 25 7.35 -8.81 10.28
N ASN A 26 6.43 -9.77 10.32
CA ASN A 26 6.82 -11.16 10.03
C ASN A 26 7.52 -11.25 8.67
N GLY A 27 7.00 -10.51 7.70
CA GLY A 27 7.57 -10.48 6.34
C GLY A 27 8.95 -9.85 6.28
N TRP A 28 9.12 -8.66 6.88
CA TRP A 28 10.46 -8.07 6.85
C TRP A 28 11.48 -8.80 7.71
N GLN A 29 11.03 -9.40 8.81
CA GLN A 29 11.93 -10.19 9.63
C GLN A 29 12.38 -11.44 8.90
N LEU A 30 11.47 -12.07 8.15
CA LEU A 30 11.81 -13.24 7.33
C LEU A 30 12.89 -12.89 6.30
N ALA A 31 12.71 -11.76 5.62
CA ALA A 31 13.67 -11.31 4.62
C ALA A 31 15.03 -11.08 5.26
N VAL A 32 15.05 -10.37 6.40
CA VAL A 32 16.31 -10.09 7.10
C VAL A 32 17.02 -11.37 7.53
N GLU A 33 16.27 -12.33 8.07
CA GLU A 33 16.86 -13.62 8.48
C GLU A 33 17.49 -14.33 7.29
N GLN A 34 16.80 -14.34 6.16
CA GLN A 34 17.30 -15.01 4.96
C GLN A 34 18.57 -14.35 4.42
N ILE A 35 18.58 -13.01 4.41
CA ILE A 35 19.72 -12.24 3.91
C ILE A 35 20.95 -12.51 4.77
N ASN A 36 20.77 -12.49 6.09
CA ASN A 36 21.88 -12.78 6.99
C ASN A 36 22.37 -14.22 6.93
N ALA A 37 21.45 -15.18 6.75
CA ALA A 37 21.84 -16.58 6.62
C ALA A 37 22.63 -16.83 5.34
N ALA A 38 22.35 -16.02 4.31
CA ALA A 38 23.04 -16.15 3.02
C ALA A 38 24.37 -15.39 2.99
N GLY A 39 24.75 -14.80 4.13
CA GLY A 39 26.06 -14.16 4.29
C GLY A 39 26.05 -12.67 4.55
N GLY A 40 24.87 -12.08 4.71
CA GLY A 40 24.78 -10.64 4.94
C GLY A 40 25.09 -9.84 3.70
N LEU A 41 25.59 -8.62 3.89
CA LEU A 41 25.84 -7.70 2.78
C LEU A 41 27.23 -7.09 2.86
N LEU A 42 27.75 -6.64 1.72
CA LEU A 42 29.03 -5.93 1.68
C LEU A 42 30.15 -6.67 2.41
N GLY A 43 30.36 -7.93 2.03
CA GLY A 43 31.45 -8.73 2.56
C GLY A 43 31.20 -9.34 3.93
N GLY A 44 29.93 -9.48 4.31
CA GLY A 44 29.58 -10.18 5.54
C GLY A 44 29.02 -9.34 6.67
N ARG A 45 28.68 -8.09 6.37
CA ARG A 45 28.07 -7.21 7.38
C ARG A 45 26.64 -7.64 7.61
N PRO A 46 26.23 -7.78 8.89
CA PRO A 46 24.85 -8.19 9.16
C PRO A 46 23.86 -7.05 8.90
N LEU A 47 22.69 -7.42 8.41
CA LEU A 47 21.59 -6.47 8.23
C LEU A 47 20.77 -6.48 9.50
N GLU A 48 20.54 -5.27 10.03
CA GLU A 48 19.76 -5.08 11.24
CA GLU A 48 19.75 -5.09 11.25
C GLU A 48 18.65 -4.08 11.01
N VAL A 49 17.48 -4.35 11.56
CA VAL A 49 16.38 -3.40 11.54
C VAL A 49 16.08 -2.97 12.97
N ILE A 50 16.06 -1.66 13.18
CA ILE A 50 15.66 -1.09 14.46
C ILE A 50 14.32 -0.42 14.22
N SER A 51 13.29 -0.91 14.91
CA SER A 51 11.90 -0.56 14.57
C SER A 51 11.21 0.19 15.71
N ARG A 52 10.32 1.10 15.32
CA ARG A 52 9.62 1.96 16.26
C ARG A 52 8.16 2.08 15.89
N ASP A 53 7.32 2.31 16.89
CA ASP A 53 5.90 2.62 16.69
C ASP A 53 5.68 4.11 16.47
N ASP A 54 4.78 4.44 15.55
CA ASP A 54 4.41 5.85 15.35
C ASP A 54 3.08 6.28 15.94
N GLY A 55 2.36 5.34 16.54
CA GLY A 55 1.03 5.65 17.10
C GLY A 55 0.04 6.17 16.07
N GLY A 56 0.30 5.91 14.79
CA GLY A 56 -0.48 6.47 13.69
C GLY A 56 -0.42 7.99 13.60
N ASP A 57 0.66 8.60 14.11
CA ASP A 57 0.73 10.05 14.23
C ASP A 57 1.97 10.60 13.53
N PRO A 58 1.79 11.61 12.66
CA PRO A 58 2.95 12.18 11.94
C PRO A 58 4.03 12.73 12.85
N GLY A 59 3.64 13.46 13.90
CA GLY A 59 4.61 14.03 14.84
C GLY A 59 5.42 12.96 15.53
N LYS A 60 4.76 11.91 16.00
CA LYS A 60 5.44 10.81 16.67
C LYS A 60 6.37 10.07 15.71
N ALA A 61 5.95 9.91 14.45
CA ALA A 61 6.80 9.26 13.45
C ALA A 61 8.08 10.05 13.19
N VAL A 62 7.98 11.37 13.07
CA VAL A 62 9.15 12.20 12.85
C VAL A 62 10.10 12.19 14.06
N THR A 63 9.54 12.25 15.28
CA THR A 63 10.33 12.09 16.51
C THR A 63 11.07 10.75 16.50
N ALA A 64 10.39 9.68 16.11
CA ALA A 64 11.03 8.37 16.01
C ALA A 64 12.16 8.34 14.98
N ALA A 65 11.93 8.95 13.81
CA ALA A 65 12.96 9.03 12.78
C ALA A 65 14.21 9.75 13.30
N GLN A 66 13.99 10.85 13.99
CA GLN A 66 15.11 11.61 14.55
C GLN A 66 15.89 10.79 15.59
N GLU A 67 15.16 10.05 16.43
CA GLU A 67 15.79 9.20 17.43
C GLU A 67 16.58 8.06 16.77
N LEU A 68 16.02 7.46 15.73
CA LEU A 68 16.73 6.41 15.00
C LEU A 68 18.06 6.92 14.39
N LEU A 69 18.02 8.12 13.83
CA LEU A 69 19.24 8.72 13.26
C LEU A 69 20.26 9.10 14.33
N THR A 70 19.81 9.77 15.37
CA THR A 70 20.73 10.40 16.31
C THR A 70 21.18 9.49 17.45
N ARG A 71 20.40 8.45 17.74
CA ARG A 71 20.77 7.51 18.81
C ARG A 71 21.27 6.17 18.28
N HIS A 72 20.85 5.80 17.08
CA HIS A 72 21.22 4.51 16.51
C HIS A 72 21.99 4.58 15.19
N GLY A 73 22.18 5.79 14.68
CA GLY A 73 22.97 6.00 13.46
C GLY A 73 22.51 5.15 12.30
N VAL A 74 21.19 5.02 12.13
CA VAL A 74 20.67 4.19 11.04
C VAL A 74 21.12 4.73 9.68
N HIS A 75 21.32 3.82 8.74
CA HIS A 75 21.81 4.19 7.42
C HIS A 75 20.70 4.58 6.45
N ALA A 76 19.46 4.25 6.82
CA ALA A 76 18.29 4.57 6.00
C ALA A 76 17.07 4.42 6.89
N LEU A 77 15.99 5.11 6.49
CA LEU A 77 14.69 5.03 7.13
C LEU A 77 13.77 4.23 6.22
N ALA A 78 12.75 3.60 6.81
CA ALA A 78 11.80 2.81 6.04
C ALA A 78 10.46 2.73 6.75
N GLY A 79 9.43 2.46 5.95
CA GLY A 79 8.17 2.04 6.52
C GLY A 79 7.03 3.01 6.36
N THR A 80 6.33 3.20 7.47
CA THR A 80 5.03 3.89 7.63
C THR A 80 3.88 3.15 6.96
N PHE A 81 2.67 3.51 7.41
CA PHE A 81 1.43 2.95 6.90
C PHE A 81 0.52 4.06 6.39
N LEU A 82 0.27 5.07 7.21
CA LEU A 82 -0.70 6.11 6.87
C LEU A 82 -0.06 7.16 5.98
N SER A 83 -0.80 7.59 4.95
CA SER A 83 -0.24 8.48 3.92
C SER A 83 0.32 9.79 4.48
N HIS A 84 -0.39 10.41 5.42
CA HIS A 84 0.11 11.66 5.99
C HIS A 84 1.31 11.45 6.89
N VAL A 85 1.42 10.28 7.51
CA VAL A 85 2.61 9.92 8.30
C VAL A 85 3.79 9.73 7.34
N GLY A 86 3.57 9.03 6.22
CA GLY A 86 4.59 8.87 5.20
C GLY A 86 5.07 10.21 4.70
N LEU A 87 4.15 11.14 4.43
CA LEU A 87 4.54 12.47 3.95
C LEU A 87 5.42 13.20 4.96
N ALA A 88 5.08 13.08 6.25
CA ALA A 88 5.86 13.75 7.29
C ALA A 88 7.26 13.15 7.39
N VAL A 89 7.39 11.83 7.38
CA VAL A 89 8.69 11.18 7.46
C VAL A 89 9.49 11.51 6.19
N SER A 90 8.82 11.56 5.04
CA SER A 90 9.47 11.89 3.78
C SER A 90 10.07 13.29 3.77
N ASP A 91 9.33 14.26 4.31
CA ASP A 91 9.83 15.63 4.37
C ASP A 91 11.02 15.73 5.31
N PHE A 92 10.96 14.99 6.41
CA PHE A 92 12.07 14.93 7.35
C PHE A 92 13.31 14.32 6.69
N ALA A 93 13.11 13.22 5.96
CA ALA A 93 14.21 12.56 5.25
C ALA A 93 14.84 13.49 4.23
N ARG A 94 14.02 14.28 3.54
CA ARG A 94 14.50 15.27 2.60
C ARG A 94 15.42 16.28 3.28
N GLN A 95 14.97 16.79 4.42
CA GLN A 95 15.75 17.79 5.18
C GLN A 95 17.08 17.21 5.66
N ARG A 96 17.07 15.97 6.11
CA ARG A 96 18.26 15.31 6.65
C ARG A 96 19.14 14.66 5.58
N LYS A 97 18.64 14.62 4.34
CA LYS A 97 19.34 14.00 3.21
C LYS A 97 19.69 12.53 3.48
N VAL A 98 18.67 11.79 3.91
CA VAL A 98 18.79 10.35 4.19
C VAL A 98 17.70 9.59 3.41
N LEU A 99 18.04 8.41 2.94
CA LEU A 99 17.05 7.58 2.23
C LEU A 99 15.87 7.22 3.12
N PHE A 100 14.68 7.41 2.58
CA PHE A 100 13.45 6.92 3.18
C PHE A 100 12.77 6.02 2.16
N MET A 101 12.70 4.73 2.47
CA MET A 101 11.95 3.77 1.66
CA MET A 101 11.95 3.78 1.65
C MET A 101 10.58 3.57 2.27
N ALA A 102 9.59 4.26 1.72
CA ALA A 102 8.21 4.11 2.17
C ALA A 102 7.70 2.75 1.70
N SER A 103 7.11 1.99 2.61
CA SER A 103 6.62 0.65 2.28
C SER A 103 5.15 0.69 1.90
N GLU A 104 4.29 1.01 2.86
CA GLU A 104 2.86 0.91 2.70
C GLU A 104 2.05 2.21 2.48
N PRO A 105 2.59 3.42 2.76
CA PRO A 105 1.71 4.58 2.50
C PRO A 105 1.47 4.74 1.00
N LEU A 106 0.22 4.98 0.64
CA LEU A 106 -0.18 4.86 -0.76
C LEU A 106 -0.33 6.16 -1.55
N THR A 107 -0.42 7.30 -0.90
CA THR A 107 -0.69 8.50 -1.67
C THR A 107 0.34 8.74 -2.77
N ASP A 108 -0.14 9.10 -3.96
CA ASP A 108 0.77 9.50 -5.04
C ASP A 108 1.53 10.79 -4.76
N ALA A 109 1.13 11.53 -3.74
CA ALA A 109 1.87 12.73 -3.35
C ALA A 109 3.31 12.43 -2.92
N LEU A 110 3.56 11.22 -2.41
CA LEU A 110 4.90 10.79 -2.02
C LEU A 110 5.88 10.69 -3.19
N THR A 111 5.35 10.45 -4.39
CA THR A 111 6.19 10.26 -5.58
C THR A 111 6.03 11.40 -6.60
N TRP A 112 4.94 12.15 -6.49
CA TRP A 112 4.64 13.19 -7.47
C TRP A 112 4.69 14.57 -6.84
N GLU A 113 3.56 15.11 -6.42
CA GLU A 113 3.50 16.51 -5.95
C GLU A 113 4.52 16.84 -4.87
N LYS A 114 4.68 15.94 -3.91
CA LYS A 114 5.60 16.14 -2.80
C LYS A 114 6.78 15.17 -2.88
N GLY A 115 7.06 14.67 -4.08
CA GLY A 115 8.20 13.79 -4.28
C GLY A 115 9.51 14.50 -3.96
N ASN A 116 10.53 13.72 -3.59
CA ASN A 116 11.87 14.29 -3.41
C ASN A 116 12.97 13.28 -3.68
N ARG A 117 14.21 13.78 -3.71
CA ARG A 117 15.38 12.98 -4.03
C ARG A 117 15.55 11.75 -3.14
N TYR A 118 15.12 11.87 -1.87
CA TYR A 118 15.47 10.88 -0.84
C TYR A 118 14.38 9.87 -0.55
N THR A 119 13.23 10.02 -1.21
CA THR A 119 12.07 9.19 -0.93
C THR A 119 11.75 8.29 -2.10
N TYR A 120 11.67 7.00 -1.79
CA TYR A 120 11.20 5.97 -2.73
C TYR A 120 9.99 5.28 -2.08
N ARG A 121 9.13 4.66 -2.89
CA ARG A 121 7.95 4.02 -2.32
C ARG A 121 7.60 2.75 -3.08
N LEU A 122 7.27 1.70 -2.32
CA LEU A 122 7.08 0.38 -2.86
C LEU A 122 5.68 0.11 -3.43
N ARG A 123 4.65 0.17 -2.60
CA ARG A 123 3.33 -0.30 -3.01
C ARG A 123 2.69 0.56 -4.10
N PRO A 124 1.79 -0.05 -4.92
CA PRO A 124 1.07 0.73 -5.93
C PRO A 124 0.21 1.80 -5.25
N SER A 125 0.30 3.00 -5.79
CA SER A 125 -0.23 4.18 -5.19
C SER A 125 -1.75 4.30 -5.32
N THR A 126 -2.29 5.33 -4.68
CA THR A 126 -3.68 5.69 -4.88
C THR A 126 -4.03 5.85 -6.37
N TYR A 127 -3.20 6.58 -7.11
CA TYR A 127 -3.41 6.74 -8.56
C TYR A 127 -3.43 5.38 -9.24
N MET A 128 -2.43 4.55 -8.96
CA MET A 128 -2.27 3.28 -9.66
C MET A 128 -3.46 2.35 -9.40
N GLN A 129 -3.86 2.24 -8.14
CA GLN A 129 -4.99 1.37 -7.80
C GLN A 129 -6.30 1.97 -8.29
N ALA A 130 -6.42 3.30 -8.25
CA ALA A 130 -7.60 3.95 -8.78
C ALA A 130 -7.72 3.74 -10.28
N ALA A 131 -6.60 3.72 -11.00
CA ALA A 131 -6.62 3.46 -12.43
C ALA A 131 -7.16 2.07 -12.72
N MET A 132 -6.73 1.09 -11.92
CA MET A 132 -7.18 -0.30 -12.07
C MET A 132 -8.69 -0.36 -11.86
N LEU A 133 -9.16 0.30 -10.80
CA LEU A 133 -10.56 0.24 -10.42
C LEU A 133 -11.46 1.08 -11.32
N ALA A 134 -10.98 2.25 -11.74
CA ALA A 134 -11.72 3.11 -12.68
C ALA A 134 -11.90 2.40 -14.02
N ALA A 135 -10.90 1.68 -14.49
CA ALA A 135 -11.04 0.94 -15.74
C ALA A 135 -12.16 -0.10 -15.64
N GLU A 136 -12.27 -0.77 -14.50
CA GLU A 136 -13.39 -1.68 -14.28
C GLU A 136 -14.73 -0.96 -14.20
N ALA A 137 -14.78 0.14 -13.44
CA ALA A 137 -16.00 0.93 -13.31
C ALA A 137 -16.47 1.45 -14.68
N ALA A 138 -15.51 1.81 -15.54
CA ALA A 138 -15.83 2.35 -16.88
C ALA A 138 -16.56 1.35 -17.78
N LYS A 139 -16.45 0.05 -17.49
CA LYS A 139 -17.12 -0.99 -18.27
C LYS A 139 -18.56 -1.23 -17.85
N LEU A 140 -18.96 -0.63 -16.74
CA LEU A 140 -20.29 -0.84 -16.19
C LEU A 140 -21.26 0.14 -16.83
N PRO A 141 -22.45 -0.34 -17.27
CA PRO A 141 -23.44 0.48 -17.97
C PRO A 141 -24.31 1.26 -16.97
N ILE A 142 -23.63 1.96 -16.06
CA ILE A 142 -24.26 2.86 -15.10
C ILE A 142 -23.46 4.16 -15.16
N THR A 143 -24.05 5.25 -14.67
CA THR A 143 -23.38 6.56 -14.71
C THR A 143 -23.35 7.31 -13.37
N ARG A 144 -24.23 6.95 -12.45
CA ARG A 144 -24.39 7.69 -11.19
C ARG A 144 -23.58 7.03 -10.09
N TRP A 145 -22.52 7.71 -9.65
CA TRP A 145 -21.60 7.19 -8.64
C TRP A 145 -21.61 8.01 -7.36
N ALA A 146 -21.46 7.32 -6.22
CA ALA A 146 -21.23 7.99 -4.94
C ALA A 146 -19.96 7.43 -4.34
N THR A 147 -19.26 8.27 -3.57
CA THR A 147 -18.00 7.87 -2.94
C THR A 147 -18.08 7.91 -1.43
N ILE A 148 -17.28 7.06 -0.80
CA ILE A 148 -17.11 7.08 0.65
C ILE A 148 -15.67 6.72 0.95
N ALA A 149 -15.04 7.54 1.78
CA ALA A 149 -13.62 7.38 2.04
C ALA A 149 -13.24 7.99 3.38
N PRO A 150 -12.21 7.45 4.03
CA PRO A 150 -11.75 8.08 5.28
C PRO A 150 -11.12 9.44 4.95
N ASN A 151 -11.44 10.45 5.75
CA ASN A 151 -11.10 11.82 5.41
C ASN A 151 -9.73 12.23 5.87
N TYR A 152 -8.72 11.79 5.14
CA TYR A 152 -7.36 12.23 5.31
C TYR A 152 -6.66 12.00 3.97
N GLU A 153 -5.37 12.31 3.90
CA GLU A 153 -4.63 12.28 2.64
C GLU A 153 -4.93 11.05 1.76
N TYR A 154 -4.92 9.85 2.35
CA TYR A 154 -5.12 8.64 1.56
C TYR A 154 -6.50 8.63 0.90
N GLY A 155 -7.56 8.84 1.69
CA GLY A 155 -8.91 8.80 1.15
C GLY A 155 -9.15 9.91 0.14
N GLN A 156 -8.62 11.09 0.43
CA GLN A 156 -8.77 12.24 -0.44
C GLN A 156 -8.13 11.97 -1.80
N SER A 157 -6.90 11.46 -1.79
CA SER A 157 -6.23 11.12 -3.04
C SER A 157 -6.92 10.00 -3.80
N ALA A 158 -7.30 8.92 -3.10
CA ALA A 158 -7.96 7.81 -3.77
C ALA A 158 -9.23 8.25 -4.50
N VAL A 159 -10.06 9.03 -3.83
CA VAL A 159 -11.31 9.49 -4.43
C VAL A 159 -11.02 10.46 -5.58
N ALA A 160 -10.11 11.42 -5.37
CA ALA A 160 -9.79 12.37 -6.43
C ALA A 160 -9.32 11.64 -7.70
N ARG A 161 -8.46 10.63 -7.54
CA ARG A 161 -7.94 9.91 -8.69
C ARG A 161 -9.00 9.05 -9.35
N PHE A 162 -9.81 8.35 -8.56
CA PHE A 162 -10.90 7.55 -9.13
C PHE A 162 -11.83 8.41 -9.97
N LYS A 163 -12.21 9.57 -9.44
CA LYS A 163 -13.11 10.48 -10.13
CA LYS A 163 -13.10 10.48 -10.14
C LYS A 163 -12.48 10.96 -11.44
N GLU A 164 -11.22 11.41 -11.36
CA GLU A 164 -10.50 11.93 -12.51
CA GLU A 164 -10.48 11.91 -12.52
C GLU A 164 -10.42 10.86 -13.63
N LEU A 165 -10.02 9.65 -13.25
CA LEU A 165 -9.79 8.57 -14.20
C LEU A 165 -11.09 8.00 -14.78
N LEU A 166 -12.13 7.90 -13.95
CA LEU A 166 -13.42 7.45 -14.46
C LEU A 166 -14.04 8.49 -15.39
N LEU A 167 -14.01 9.75 -15.00
CA LEU A 167 -14.57 10.81 -15.83
C LEU A 167 -13.84 10.94 -17.17
N ALA A 168 -12.53 10.70 -17.18
CA ALA A 168 -11.77 10.74 -18.43
C ALA A 168 -12.26 9.66 -19.39
N ALA A 169 -12.56 8.48 -18.86
CA ALA A 169 -13.06 7.37 -19.69
C ALA A 169 -14.54 7.51 -20.04
N ARG A 170 -15.31 8.13 -19.15
CA ARG A 170 -16.77 8.20 -19.25
C ARG A 170 -17.20 9.59 -18.84
N PRO A 171 -17.14 10.55 -19.79
CA PRO A 171 -17.43 11.95 -19.46
C PRO A 171 -18.85 12.17 -18.96
N GLU A 172 -19.75 11.24 -19.24
CA GLU A 172 -21.16 11.33 -18.82
C GLU A 172 -21.41 10.87 -17.38
N VAL A 173 -20.41 10.30 -16.72
CA VAL A 173 -20.53 9.92 -15.31
C VAL A 173 -20.81 11.15 -14.45
N THR A 174 -21.66 10.99 -13.44
CA THR A 174 -21.84 12.02 -12.43
C THR A 174 -21.62 11.44 -11.05
N PHE A 175 -21.02 12.26 -10.21
CA PHE A 175 -20.80 11.90 -8.83
C PHE A 175 -21.85 12.59 -8.00
N VAL A 176 -22.78 11.80 -7.49
CA VAL A 176 -24.02 12.30 -6.91
C VAL A 176 -23.99 12.47 -5.38
N ALA A 177 -22.97 11.90 -4.73
CA ALA A 177 -22.78 12.08 -3.31
C ALA A 177 -21.35 11.72 -2.94
N GLU A 178 -20.87 12.36 -1.89
CA GLU A 178 -19.57 12.05 -1.30
C GLU A 178 -19.73 12.03 0.20
N GLN A 179 -19.19 10.99 0.82
CA GLN A 179 -19.14 10.89 2.27
C GLN A 179 -17.71 10.80 2.76
N TRP A 180 -17.44 11.50 3.86
CA TRP A 180 -16.09 11.70 4.35
C TRP A 180 -15.99 11.48 5.87
N PRO A 181 -16.24 10.24 6.33
CA PRO A 181 -16.07 9.97 7.77
C PRO A 181 -14.61 10.20 8.16
N ALA A 182 -14.38 10.64 9.40
CA ALA A 182 -13.02 10.67 9.92
C ALA A 182 -12.49 9.24 10.05
N LEU A 183 -11.19 9.06 9.82
CA LEU A 183 -10.58 7.74 9.94
C LEU A 183 -10.89 7.09 11.29
N TYR A 184 -11.37 5.85 11.23
CA TYR A 184 -11.67 5.05 12.43
CA TYR A 184 -11.70 5.04 12.41
C TYR A 184 -12.80 5.64 13.29
N LYS A 185 -13.58 6.55 12.71
CA LYS A 185 -14.68 7.21 13.43
C LYS A 185 -15.94 7.26 12.56
N LEU A 186 -16.18 6.21 11.78
CA LEU A 186 -17.38 6.13 10.95
C LEU A 186 -18.64 6.07 11.79
N ASP A 187 -19.58 6.98 11.51
CA ASP A 187 -20.92 6.94 12.07
C ASP A 187 -21.78 6.31 10.97
N ALA A 188 -21.92 4.99 11.04
CA ALA A 188 -22.38 4.21 9.88
C ALA A 188 -23.80 4.54 9.43
N GLY A 189 -24.75 4.60 10.37
CA GLY A 189 -26.15 4.85 10.04
C GLY A 189 -26.38 6.07 9.18
N PRO A 190 -26.01 7.27 9.69
CA PRO A 190 -26.24 8.51 8.94
C PRO A 190 -25.47 8.55 7.62
N THR A 191 -24.27 7.98 7.61
CA THR A 191 -23.43 7.97 6.41
C THR A 191 -24.07 7.11 5.31
N VAL A 192 -24.52 5.91 5.68
CA VAL A 192 -25.22 5.03 4.75
C VAL A 192 -26.49 5.70 4.22
N GLN A 193 -27.26 6.32 5.10
CA GLN A 193 -28.47 7.02 4.67
C GLN A 193 -28.19 8.14 3.67
N ALA A 194 -27.12 8.90 3.90
CA ALA A 194 -26.76 9.99 2.97
C ALA A 194 -26.43 9.44 1.58
N LEU A 195 -25.75 8.30 1.52
CA LEU A 195 -25.47 7.66 0.24
C LEU A 195 -26.74 7.19 -0.44
N GLN A 196 -27.62 6.53 0.32
CA GLN A 196 -28.88 6.04 -0.23
C GLN A 196 -29.74 7.15 -0.79
N GLN A 197 -29.80 8.27 -0.07
CA GLN A 197 -30.62 9.43 -0.43
C GLN A 197 -30.30 9.99 -1.81
N ALA A 198 -29.04 9.87 -2.22
CA ALA A 198 -28.57 10.41 -3.50
C ALA A 198 -28.85 9.49 -4.68
N GLU A 199 -29.43 8.32 -4.41
CA GLU A 199 -29.78 7.33 -5.45
C GLU A 199 -28.66 7.04 -6.47
N PRO A 200 -27.47 6.66 -5.97
CA PRO A 200 -26.41 6.23 -6.88
C PRO A 200 -26.70 4.86 -7.46
N GLU A 201 -26.09 4.58 -8.61
CA GLU A 201 -26.08 3.25 -9.19
C GLU A 201 -24.84 2.47 -8.78
N GLY A 202 -23.75 3.20 -8.57
CA GLY A 202 -22.48 2.60 -8.17
C GLY A 202 -21.89 3.29 -6.95
N LEU A 203 -21.16 2.54 -6.16
CA LEU A 203 -20.47 3.07 -4.98
C LEU A 203 -18.99 2.81 -5.08
N PHE A 204 -18.18 3.83 -4.79
CA PHE A 204 -16.74 3.67 -4.70
C PHE A 204 -16.36 3.85 -3.25
N ASN A 205 -15.79 2.79 -2.67
CA ASN A 205 -15.40 2.77 -1.26
C ASN A 205 -13.90 2.71 -1.07
N VAL A 206 -13.42 3.47 -0.09
CA VAL A 206 -12.00 3.48 0.32
C VAL A 206 -11.83 3.10 1.81
N LEU A 207 -12.93 2.90 2.53
CA LEU A 207 -12.80 2.44 3.91
C LEU A 207 -12.08 1.12 3.97
N PHE A 208 -11.22 0.98 4.98
CA PHE A 208 -10.42 -0.23 5.19
C PHE A 208 -10.33 -0.48 6.70
N GLY A 209 -9.64 -1.56 7.10
CA GLY A 209 -9.40 -1.82 8.52
C GLY A 209 -10.68 -1.87 9.32
N ALA A 210 -10.65 -1.25 10.50
CA ALA A 210 -11.80 -1.23 11.41
C ALA A 210 -13.08 -0.60 10.84
N ASP A 211 -12.93 0.35 9.93
CA ASP A 211 -14.08 1.03 9.32
C ASP A 211 -14.87 0.11 8.39
N LEU A 212 -14.19 -0.83 7.73
CA LEU A 212 -14.80 -1.65 6.68
C LEU A 212 -15.95 -2.55 7.15
N PRO A 213 -15.76 -3.35 8.22
CA PRO A 213 -16.88 -4.20 8.63
C PRO A 213 -18.12 -3.39 9.08
N LYS A 214 -17.89 -2.22 9.66
CA LYS A 214 -18.98 -1.35 10.10
C LYS A 214 -19.82 -0.89 8.91
N PHE A 215 -19.14 -0.50 7.83
CA PHE A 215 -19.79 -0.06 6.61
C PHE A 215 -20.54 -1.21 5.94
N VAL A 216 -19.87 -2.36 5.83
CA VAL A 216 -20.48 -3.55 5.22
C VAL A 216 -21.77 -3.94 5.96
N ARG A 217 -21.69 -4.02 7.28
CA ARG A 217 -22.83 -4.46 8.07
C ARG A 217 -23.99 -3.47 8.06
N GLU A 218 -23.69 -2.19 8.25
CA GLU A 218 -24.75 -1.20 8.26
C GLU A 218 -25.35 -1.00 6.87
N GLY A 219 -24.51 -1.03 5.84
CA GLY A 219 -24.99 -0.98 4.46
C GLY A 219 -25.98 -2.11 4.18
N ARG A 220 -25.62 -3.32 4.60
CA ARG A 220 -26.51 -4.45 4.42
C ARG A 220 -27.83 -4.33 5.17
N VAL A 221 -27.77 -3.87 6.41
CA VAL A 221 -28.97 -3.70 7.24
C VAL A 221 -29.94 -2.76 6.51
N ARG A 222 -29.38 -1.67 5.99
CA ARG A 222 -30.18 -0.60 5.39
C ARG A 222 -30.45 -0.80 3.90
N GLY A 223 -29.90 -1.86 3.31
CA GLY A 223 -30.16 -2.17 1.90
C GLY A 223 -29.39 -1.31 0.91
N LEU A 224 -28.25 -0.79 1.32
CA LEU A 224 -27.45 0.10 0.46
C LEU A 224 -26.87 -0.62 -0.77
N PHE A 225 -26.49 -1.88 -0.61
CA PHE A 225 -25.74 -2.58 -1.66
C PHE A 225 -26.60 -3.29 -2.69
N ALA A 226 -27.84 -3.62 -2.31
CA ALA A 226 -28.74 -4.35 -3.20
C ALA A 226 -28.96 -3.57 -4.50
N GLY A 227 -28.69 -4.23 -5.62
CA GLY A 227 -28.89 -3.63 -6.93
C GLY A 227 -27.88 -2.56 -7.32
N ARG A 228 -26.82 -2.42 -6.51
CA ARG A 228 -25.76 -1.46 -6.80
C ARG A 228 -24.43 -2.16 -7.02
N GLN A 229 -23.61 -1.57 -7.88
CA GLN A 229 -22.24 -2.03 -8.06
C GLN A 229 -21.36 -1.37 -7.01
N VAL A 230 -20.46 -2.13 -6.40
CA VAL A 230 -19.52 -1.56 -5.44
C VAL A 230 -18.10 -1.82 -5.94
N VAL A 231 -17.31 -0.75 -5.98
CA VAL A 231 -15.90 -0.79 -6.35
C VAL A 231 -15.15 -0.33 -5.11
N SER A 232 -14.18 -1.11 -4.65
CA SER A 232 -13.61 -0.88 -3.32
C SER A 232 -12.12 -1.15 -3.24
N MET A 233 -11.36 -0.12 -2.87
CA MET A 233 -9.92 -0.20 -2.79
C MET A 233 -9.47 -1.00 -1.55
N LEU A 234 -8.62 -2.01 -1.79
CA LEU A 234 -7.96 -2.85 -0.75
C LEU A 234 -8.84 -3.92 -0.14
N THR A 235 -10.11 -3.99 -0.51
CA THR A 235 -11.04 -4.88 0.19
C THR A 235 -10.71 -6.36 0.00
N GLY A 236 -10.01 -6.69 -1.09
CA GLY A 236 -9.55 -8.07 -1.32
C GLY A 236 -8.28 -8.45 -0.59
N GLU A 237 -7.73 -7.54 0.21
CA GLU A 237 -6.56 -7.88 1.01
C GLU A 237 -7.06 -8.68 2.20
N PRO A 238 -6.43 -9.83 2.47
CA PRO A 238 -6.97 -10.72 3.51
C PRO A 238 -7.02 -10.08 4.89
N GLU A 239 -6.12 -9.15 5.19
CA GLU A 239 -6.17 -8.51 6.51
C GLU A 239 -7.46 -7.76 6.74
N TYR A 240 -8.13 -7.32 5.68
CA TYR A 240 -9.42 -6.62 5.80
C TYR A 240 -10.59 -7.52 5.49
N LEU A 241 -10.42 -8.42 4.52
CA LEU A 241 -11.53 -9.27 4.13
C LEU A 241 -11.79 -10.40 5.11
N ASN A 242 -10.71 -11.00 5.64
CA ASN A 242 -10.85 -12.22 6.45
C ASN A 242 -11.67 -12.02 7.74
N PRO A 243 -11.47 -10.91 8.47
CA PRO A 243 -12.25 -10.81 9.72
C PRO A 243 -13.76 -10.70 9.53
N LEU A 244 -14.22 -10.43 8.31
CA LEU A 244 -15.65 -10.40 8.03
C LEU A 244 -16.29 -11.79 8.01
N LYS A 245 -15.45 -12.81 7.89
CA LYS A 245 -15.89 -14.21 7.80
C LYS A 245 -17.02 -14.36 6.78
N ASP A 246 -18.13 -15.01 7.13
CA ASP A 246 -19.22 -15.20 6.17
C ASP A 246 -20.04 -13.94 5.86
N GLU A 247 -19.68 -12.82 6.47
CA GLU A 247 -20.31 -11.53 6.15
C GLU A 247 -19.56 -10.73 5.08
N ALA A 248 -18.53 -11.34 4.53
CA ALA A 248 -17.75 -10.71 3.46
C ALA A 248 -18.68 -10.34 2.31
N PRO A 249 -18.47 -9.16 1.70
CA PRO A 249 -19.34 -8.72 0.62
C PRO A 249 -19.14 -9.57 -0.64
N GLU A 250 -20.23 -9.79 -1.38
CA GLU A 250 -20.17 -10.58 -2.59
C GLU A 250 -20.34 -9.69 -3.81
N GLY A 251 -19.48 -9.92 -4.81
CA GLY A 251 -19.63 -9.24 -6.09
C GLY A 251 -19.00 -7.86 -6.19
N TRP A 252 -18.27 -7.45 -5.15
CA TRP A 252 -17.57 -6.16 -5.20
C TRP A 252 -16.36 -6.27 -6.10
N ILE A 253 -16.06 -5.20 -6.84
CA ILE A 253 -14.85 -5.13 -7.66
C ILE A 253 -13.77 -4.46 -6.82
N VAL A 254 -12.67 -5.18 -6.57
CA VAL A 254 -11.71 -4.75 -5.57
C VAL A 254 -10.28 -4.93 -6.01
N THR A 255 -9.38 -4.20 -5.35
CA THR A 255 -7.97 -4.58 -5.36
C THR A 255 -7.71 -5.40 -4.10
N GLY A 256 -6.81 -6.38 -4.20
CA GLY A 256 -6.50 -7.23 -3.08
C GLY A 256 -5.38 -8.19 -3.37
N TYR A 257 -5.37 -9.31 -2.66
CA TYR A 257 -4.22 -10.22 -2.65
C TYR A 257 -4.69 -11.65 -2.49
N PRO A 258 -4.94 -12.32 -3.62
CA PRO A 258 -5.47 -13.69 -3.60
C PRO A 258 -4.34 -14.70 -3.46
N TRP A 259 -3.58 -14.57 -2.39
CA TRP A 259 -2.36 -15.34 -2.17
C TRP A 259 -2.59 -16.85 -2.24
N TYR A 260 -3.77 -17.29 -1.81
CA TYR A 260 -4.18 -18.71 -1.75
C TYR A 260 -4.31 -19.32 -3.15
N ASP A 261 -4.47 -18.48 -4.16
CA ASP A 261 -4.68 -18.96 -5.53
C ASP A 261 -3.58 -18.58 -6.52
N ILE A 262 -2.53 -17.95 -6.03
CA ILE A 262 -1.37 -17.66 -6.89
C ILE A 262 -0.51 -18.90 -6.96
N ASP A 263 -0.30 -19.40 -8.17
CA ASP A 263 0.29 -20.72 -8.31
C ASP A 263 1.73 -20.74 -8.76
N THR A 264 2.28 -19.55 -9.06
CA THR A 264 3.65 -19.46 -9.58
C THR A 264 4.69 -19.84 -8.52
N ALA A 265 5.76 -20.48 -8.95
CA ALA A 265 6.76 -21.02 -8.03
C ALA A 265 7.38 -19.97 -7.08
N PRO A 266 7.80 -18.79 -7.59
CA PRO A 266 8.40 -17.87 -6.63
C PRO A 266 7.41 -17.42 -5.56
N HIS A 267 6.15 -17.27 -5.92
CA HIS A 267 5.20 -16.84 -4.91
C HIS A 267 4.90 -17.95 -3.91
N ARG A 268 4.72 -19.17 -4.40
CA ARG A 268 4.51 -20.32 -3.53
C ARG A 268 5.70 -20.54 -2.59
N ALA A 269 6.92 -20.29 -3.08
CA ALA A 269 8.11 -20.43 -2.22
C ALA A 269 8.04 -19.46 -1.05
N PHE A 270 7.60 -18.23 -1.31
CA PHE A 270 7.41 -17.24 -0.27
C PHE A 270 6.32 -17.68 0.71
N VAL A 271 5.16 -18.09 0.19
CA VAL A 271 4.08 -18.53 1.06
C VAL A 271 4.53 -19.66 1.99
N GLU A 272 5.22 -20.66 1.43
CA GLU A 272 5.67 -21.79 2.22
C GLU A 272 6.77 -21.44 3.20
N ALA A 273 7.71 -20.57 2.81
CA ALA A 273 8.77 -20.15 3.73
C ALA A 273 8.19 -19.34 4.87
N TYR A 274 7.21 -18.50 4.57
CA TYR A 274 6.53 -17.72 5.59
C TYR A 274 5.78 -18.62 6.56
N ARG A 275 5.01 -19.59 6.03
CA ARG A 275 4.28 -20.54 6.86
C ARG A 275 5.22 -21.35 7.74
N ALA A 276 6.35 -21.78 7.18
CA ALA A 276 7.31 -22.57 7.94
C ALA A 276 7.88 -21.75 9.09
N ARG A 277 8.10 -20.46 8.87
CA ARG A 277 8.74 -19.61 9.85
C ARG A 277 7.78 -19.13 10.95
N TRP A 278 6.55 -18.80 10.55
CA TRP A 278 5.60 -18.14 11.44
C TRP A 278 4.39 -18.98 11.86
N LYS A 279 4.20 -20.11 11.19
CA LYS A 279 3.04 -21.00 11.41
C LYS A 279 1.72 -20.24 11.24
N GLU A 280 1.71 -19.35 10.26
CA GLU A 280 0.58 -18.50 9.91
C GLU A 280 0.55 -18.35 8.41
N ASP A 281 -0.64 -18.10 7.86
CA ASP A 281 -0.78 -17.70 6.46
C ASP A 281 -0.30 -16.27 6.30
N PRO A 282 0.24 -15.91 5.13
CA PRO A 282 0.64 -14.52 4.89
C PRO A 282 -0.56 -13.62 4.63
N PHE A 283 -0.36 -12.32 4.88
CA PHE A 283 -1.29 -11.27 4.49
C PHE A 283 -0.57 -10.36 3.51
N VAL A 284 -1.24 -9.39 2.90
CA VAL A 284 -0.49 -8.56 1.94
C VAL A 284 0.63 -7.81 2.66
N GLY A 285 0.40 -7.44 3.92
CA GLY A 285 1.46 -6.81 4.70
C GLY A 285 2.74 -7.64 4.71
N SER A 286 2.60 -8.97 4.80
CA SER A 286 3.75 -9.87 4.77
C SER A 286 4.59 -9.69 3.51
N LEU A 287 3.91 -9.66 2.36
CA LEU A 287 4.59 -9.45 1.09
C LEU A 287 5.23 -8.06 1.01
N VAL A 288 4.54 -7.05 1.52
CA VAL A 288 5.07 -5.69 1.57
C VAL A 288 6.35 -5.64 2.40
N GLY A 289 6.34 -6.24 3.58
CA GLY A 289 7.51 -6.22 4.45
C GLY A 289 8.70 -6.93 3.81
N TYR A 290 8.42 -8.10 3.25
CA TYR A 290 9.43 -8.91 2.59
C TYR A 290 10.06 -8.16 1.41
N ASN A 291 9.23 -7.55 0.57
CA ASN A 291 9.71 -6.81 -0.59
C ASN A 291 10.50 -5.56 -0.21
N THR A 292 10.03 -4.86 0.82
CA THR A 292 10.71 -3.65 1.26
C THR A 292 12.14 -3.95 1.69
N LEU A 293 12.32 -4.96 2.54
CA LEU A 293 13.67 -5.25 3.03
C LEU A 293 14.54 -5.87 1.96
N THR A 294 13.94 -6.65 1.06
CA THR A 294 14.67 -7.18 -0.08
C THR A 294 15.21 -6.04 -0.94
N ALA A 295 14.34 -5.09 -1.30
CA ALA A 295 14.74 -3.96 -2.14
C ALA A 295 15.87 -3.16 -1.49
N MET A 296 15.76 -2.95 -0.18
CA MET A 296 16.77 -2.18 0.54
CA MET A 296 16.78 -2.19 0.54
C MET A 296 18.12 -2.91 0.59
N ALA A 297 18.08 -4.21 0.85
CA ALA A 297 19.30 -5.02 0.84
C ALA A 297 20.01 -4.96 -0.53
N VAL A 298 19.22 -5.05 -1.60
CA VAL A 298 19.76 -4.97 -2.97
C VAL A 298 20.41 -3.61 -3.21
N ALA A 299 19.76 -2.55 -2.75
CA ALA A 299 20.29 -1.19 -2.88
C ALA A 299 21.66 -1.04 -2.21
N PHE A 300 21.79 -1.49 -0.95
CA PHE A 300 23.08 -1.45 -0.26
C PHE A 300 24.14 -2.26 -0.99
N GLU A 301 23.80 -3.48 -1.42
CA GLU A 301 24.74 -4.36 -2.12
C GLU A 301 25.21 -3.77 -3.45
N LYS A 302 24.27 -3.24 -4.23
CA LYS A 302 24.60 -2.62 -5.52
C LYS A 302 25.35 -1.29 -5.36
N ALA A 303 25.05 -0.56 -4.29
CA ALA A 303 25.73 0.72 -4.01
C ALA A 303 27.19 0.51 -3.60
N GLY A 304 27.45 -0.61 -2.93
CA GLY A 304 28.79 -0.93 -2.44
C GLY A 304 29.12 -0.25 -1.12
N GLY A 305 28.12 0.38 -0.52
CA GLY A 305 28.31 1.11 0.74
C GLY A 305 27.02 1.72 1.27
N THR A 306 27.14 2.42 2.39
CA THR A 306 25.97 2.99 3.07
C THR A 306 25.79 4.49 2.86
N GLU A 307 26.74 5.12 2.18
CA GLU A 307 26.69 6.56 1.94
C GLU A 307 25.40 6.93 1.20
N SER A 308 24.69 7.92 1.75
CA SER A 308 23.32 8.23 1.36
C SER A 308 23.14 8.63 -0.12
N GLU A 309 24.01 9.50 -0.61
CA GLU A 309 23.87 10.02 -1.98
C GLU A 309 24.01 8.92 -3.04
N THR A 310 25.01 8.05 -2.86
CA THR A 310 25.23 6.93 -3.77
C THR A 310 24.06 5.94 -3.68
N LEU A 311 23.57 5.73 -2.46
CA LEU A 311 22.44 4.84 -2.21
C LEU A 311 21.20 5.29 -2.97
N VAL A 312 20.90 6.58 -2.87
CA VAL A 312 19.79 7.20 -3.59
C VAL A 312 19.96 7.11 -5.12
N GLU A 313 21.19 7.28 -5.61
CA GLU A 313 21.46 7.17 -7.05
C GLU A 313 21.30 5.73 -7.53
N THR A 314 21.72 4.79 -6.68
CA THR A 314 21.70 3.36 -6.97
C THR A 314 20.27 2.86 -7.22
N LEU A 315 19.31 3.42 -6.48
CA LEU A 315 17.91 3.01 -6.59
C LEU A 315 17.23 3.43 -7.90
N LYS A 316 17.81 4.39 -8.62
CA LYS A 316 17.25 4.85 -9.89
C LYS A 316 17.22 3.73 -10.93
N ASP A 317 16.02 3.33 -11.35
CA ASP A 317 15.83 2.23 -12.30
C ASP A 317 16.39 0.91 -11.82
N MET A 318 16.49 0.75 -10.50
CA MET A 318 17.09 -0.43 -9.90
C MET A 318 16.11 -1.59 -9.86
N ALA A 319 16.53 -2.74 -10.37
CA ALA A 319 15.74 -3.96 -10.32
C ALA A 319 16.02 -4.74 -9.03
N PHE A 320 15.01 -5.49 -8.58
CA PHE A 320 15.15 -6.40 -7.45
C PHE A 320 14.19 -7.56 -7.61
N SER A 321 14.60 -8.75 -7.19
CA SER A 321 13.79 -9.96 -7.33
C SER A 321 12.81 -10.08 -6.17
N THR A 322 11.57 -10.44 -6.48
CA THR A 322 10.52 -10.61 -5.47
C THR A 322 9.74 -11.90 -5.72
N PRO A 323 8.84 -12.27 -4.78
CA PRO A 323 7.97 -13.43 -5.01
C PRO A 323 7.02 -13.24 -6.19
N MET A 324 6.89 -12.04 -6.73
CA MET A 324 6.16 -11.84 -7.99
C MET A 324 7.04 -11.53 -9.20
N GLY A 325 8.31 -11.93 -9.13
CA GLY A 325 9.25 -11.68 -10.22
C GLY A 325 9.96 -10.36 -10.02
N PRO A 326 10.78 -9.95 -11.01
CA PRO A 326 11.55 -8.72 -10.87
C PRO A 326 10.64 -7.49 -10.82
N LEU A 327 10.97 -6.56 -9.94
CA LEU A 327 10.33 -5.25 -9.91
C LEU A 327 11.45 -4.24 -10.01
N SER A 328 11.11 -2.99 -10.28
CA SER A 328 12.12 -1.94 -10.29
C SER A 328 11.56 -0.66 -9.71
N PHE A 329 12.45 0.23 -9.29
CA PHE A 329 12.07 1.58 -8.91
C PHE A 329 12.33 2.50 -10.07
N ARG A 330 11.33 3.26 -10.48
CA ARG A 330 11.49 4.19 -11.58
C ARG A 330 12.38 5.36 -11.19
N ALA A 331 13.31 5.72 -12.06
CA ALA A 331 14.16 6.89 -11.82
C ALA A 331 13.33 8.17 -11.79
N SER A 332 12.28 8.20 -12.60
CA SER A 332 11.49 9.42 -12.79
C SER A 332 10.69 9.82 -11.56
N ASP A 333 9.99 8.87 -10.94
CA ASP A 333 9.13 9.19 -9.81
C ASP A 333 9.40 8.37 -8.54
N HIS A 334 10.43 7.53 -8.57
CA HIS A 334 10.87 6.80 -7.38
C HIS A 334 9.81 5.80 -6.89
N GLN A 335 8.93 5.43 -7.80
CA GLN A 335 7.85 4.50 -7.51
C GLN A 335 8.23 3.12 -7.98
N SER A 336 8.01 2.10 -7.17
CA SER A 336 8.26 0.74 -7.65
C SER A 336 7.15 0.28 -8.59
N THR A 337 7.47 -0.68 -9.44
CA THR A 337 6.51 -1.26 -10.37
C THR A 337 5.65 -2.36 -9.75
N MET A 338 5.68 -2.50 -8.43
CA MET A 338 4.77 -3.44 -7.76
C MET A 338 3.33 -3.14 -8.19
N GLY A 339 2.60 -4.18 -8.57
CA GLY A 339 1.22 -4.02 -8.96
C GLY A 339 0.27 -4.50 -7.88
N ALA A 340 -0.97 -4.74 -8.29
CA ALA A 340 -2.00 -5.26 -7.39
C ALA A 340 -2.87 -6.22 -8.18
N TRP A 341 -3.74 -6.92 -7.47
CA TRP A 341 -4.61 -7.89 -8.09
C TRP A 341 -6.02 -7.31 -8.06
N VAL A 342 -6.71 -7.42 -9.18
CA VAL A 342 -8.05 -6.86 -9.37
C VAL A 342 -9.01 -8.00 -9.67
N GLY A 343 -10.18 -7.99 -9.03
CA GLY A 343 -11.17 -9.02 -9.28
C GLY A 343 -12.41 -8.80 -8.46
N ARG A 344 -13.22 -9.84 -8.37
CA ARG A 344 -14.50 -9.76 -7.67
C ARG A 344 -14.45 -10.52 -6.38
N THR A 345 -15.12 -10.02 -5.35
CA THR A 345 -15.24 -10.77 -4.10
C THR A 345 -16.31 -11.86 -4.20
N ALA A 346 -16.08 -12.94 -3.47
CA ALA A 346 -17.02 -14.04 -3.41
C ALA A 346 -16.82 -14.72 -2.06
N LEU A 347 -17.77 -15.57 -1.71
CA LEU A 347 -17.61 -16.45 -0.56
C LEU A 347 -17.18 -17.83 -1.06
N ARG A 348 -16.22 -18.42 -0.35
CA ARG A 348 -15.84 -19.79 -0.60
C ARG A 348 -15.74 -20.46 0.76
N ASP A 349 -16.64 -21.42 1.00
CA ASP A 349 -16.70 -22.15 2.27
C ASP A 349 -16.78 -21.19 3.47
N GLY A 350 -17.65 -20.18 3.33
CA GLY A 350 -17.92 -19.21 4.38
C GLY A 350 -16.84 -18.16 4.62
N LYS A 351 -15.86 -18.09 3.71
CA LYS A 351 -14.76 -17.12 3.82
C LYS A 351 -14.67 -16.27 2.56
N GLY A 352 -14.35 -14.99 2.74
CA GLY A 352 -14.19 -14.10 1.59
C GLY A 352 -12.94 -14.39 0.79
N VAL A 353 -13.10 -14.46 -0.52
CA VAL A 353 -12.00 -14.65 -1.45
C VAL A 353 -12.22 -13.75 -2.65
N MET A 354 -11.22 -13.66 -3.51
CA MET A 354 -11.36 -12.98 -4.79
C MET A 354 -11.49 -14.06 -5.86
N VAL A 355 -12.35 -13.80 -6.84
CA VAL A 355 -12.53 -14.67 -8.00
C VAL A 355 -12.42 -13.83 -9.28
N ASP A 356 -12.22 -14.48 -10.41
CA ASP A 356 -12.11 -13.80 -11.70
CA ASP A 356 -12.12 -13.77 -11.69
C ASP A 356 -11.12 -12.63 -11.61
N TRP A 357 -9.96 -12.92 -11.04
CA TRP A 357 -8.97 -11.91 -10.78
C TRP A 357 -7.82 -11.96 -11.76
N ARG A 358 -7.10 -10.85 -11.83
CA ARG A 358 -5.88 -10.77 -12.60
C ARG A 358 -4.88 -9.87 -11.89
N TYR A 359 -3.60 -10.17 -12.07
CA TYR A 359 -2.54 -9.30 -11.65
C TYR A 359 -2.37 -8.17 -12.65
N VAL A 360 -2.29 -6.95 -12.14
CA VAL A 360 -2.02 -5.77 -12.97
C VAL A 360 -0.65 -5.23 -12.57
N ASP A 361 0.32 -5.33 -13.48
CA ASP A 361 1.66 -4.83 -13.18
C ASP A 361 1.61 -3.31 -13.00
N GLY A 362 2.41 -2.82 -12.06
CA GLY A 362 2.39 -1.40 -11.72
C GLY A 362 2.75 -0.47 -12.88
N GLY A 363 3.72 -0.86 -13.68
CA GLY A 363 4.09 -0.07 -14.86
C GLY A 363 2.95 0.20 -15.82
N SER A 364 2.02 -0.74 -15.94
CA SER A 364 0.93 -0.65 -16.91
C SER A 364 -0.10 0.44 -16.59
N VAL A 365 -0.08 0.94 -15.35
CA VAL A 365 -1.03 1.98 -14.91
C VAL A 365 -0.29 3.23 -14.42
N LEU A 366 0.95 3.37 -14.84
CA LEU A 366 1.73 4.56 -14.52
C LEU A 366 1.87 5.46 -15.74
N PRO A 367 1.72 6.78 -15.55
CA PRO A 367 2.02 7.68 -16.66
C PRO A 367 3.50 7.61 -17.03
N PRO A 368 3.87 8.04 -18.24
CA PRO A 368 5.26 7.96 -18.70
C PRO A 368 6.24 8.75 -17.83
N PRO A 369 7.51 8.31 -17.79
CA PRO A 369 8.55 9.02 -17.02
C PRO A 369 8.62 10.54 -17.27
N GLU A 370 8.46 10.96 -18.52
CA GLU A 370 8.51 12.40 -18.86
C GLU A 370 7.40 13.19 -18.21
N VAL A 371 6.23 12.57 -18.10
CA VAL A 371 5.07 13.19 -17.50
C VAL A 371 5.22 13.33 -15.98
N VAL A 372 5.57 12.23 -15.31
CA VAL A 372 5.66 12.24 -13.85
C VAL A 372 6.81 13.11 -13.33
N SER A 373 7.91 13.19 -14.08
CA SER A 373 9.06 14.00 -13.67
C SER A 373 8.66 15.47 -13.48
N ALA A 374 7.78 15.95 -14.34
CA ALA A 374 7.34 17.34 -14.31
C ALA A 374 6.36 17.64 -13.18
N TRP A 375 5.83 16.59 -12.55
CA TRP A 375 4.91 16.77 -11.43
C TRP A 375 5.66 16.91 -10.11
N ARG A 376 6.96 16.62 -10.13
CA ARG A 376 7.78 16.69 -8.92
C ARG A 376 8.33 18.09 -8.73
N PRO A 377 8.68 18.46 -7.48
CA PRO A 377 9.25 19.79 -7.24
C PRO A 377 10.49 20.07 -8.11
N ALA A 378 10.63 21.31 -8.56
CA ALA A 378 11.70 21.69 -9.49
C ALA A 378 13.10 21.77 -8.84
N GLY A 379 13.19 21.50 -7.54
CA GLY A 379 14.47 21.51 -6.84
C GLY A 379 14.50 20.60 -5.64
N NIO B . -2.48 1.30 3.31
C1 NIO B . -2.08 2.57 3.30
C2 NIO B . -2.98 3.59 3.63
C3 NIO B . -4.29 3.27 3.97
C4 NIO B . -4.67 1.94 3.97
C5 NIO B . -3.74 0.97 3.64
C6 NIO B . -2.54 5.00 3.59
O1 NIO B . -1.71 5.29 2.70
O2 NIO B . -2.97 5.84 4.41
#